data_1U2Y
#
_entry.id   1U2Y
#
_cell.length_a   52.800
_cell.length_b   68.900
_cell.length_c   132.400
_cell.angle_alpha   90.00
_cell.angle_beta   90.00
_cell.angle_gamma   90.00
#
_symmetry.space_group_name_H-M   'P 21 21 21'
#
loop_
_entity.id
_entity.type
_entity.pdbx_description
1 polymer 'Alpha-amylase, pancreatic'
2 non-polymer 2-acetamido-2-deoxy-beta-D-glucopyranose
3 non-polymer 'CALCIUM ION'
4 non-polymer 'CHLORIDE ION'
5 non-polymer (2S,3S,4R,5R)-6-(HYDROXYAMINO)-2-(HYDROXYMETHYL)-2,3,4,5-TETRAHYDROPYRIDINE-3,4,5-TRIOL
6 water water
#
_entity_poly.entity_id   1
_entity_poly.type   'polypeptide(L)'
_entity_poly.pdbx_seq_one_letter_code
;(PCA)YSPNTQQGRTSIVHLFEWRWVDIALECERYLAPKGFGGVQVSPPNENVAIYNPFRPWWERYQPVSYKLCTRSGNE
DEFRNMVTRCNNVGVRIYVDAVINHMCGNAVSAGTSSTCGSYFNPGSRDFPAVPYSGWDFNDGKCKTGSGDIENYNDATQ
VRDCRLTGLLDLALEKDYVRSKIAEYMNHLIDIGVAGFRLDASKHMWPGDIKAILDKLHNLNSNWFPAGSKPFIYQEVID
LGGEPIKSSDYFGNGRVTEFKYGAKLGTVIRKWNGEKMSYLKNWGEGWGFVPSDRALVFVDNHDNQRGHGAGGASILTFW
DARLYKMAVGFMLAHPYGFTRVMSSYRWPRQFQNGNDVNDWVGPPNNNGVIKEVTINPDTTCGNDWVCEHRWRQIRNMVI
FRNVVDGQPFTNWYDNGSNQVAFGRGNRGFIVFNNDDWSFSLTLQTGLPAGTYCDVISGDKINGNCTGIKIYVSDDGKAH
FSISNSAEDPFIAIHAESKL
;
_entity_poly.pdbx_strand_id   A
#
# COMPACT_ATOMS: atom_id res chain seq x y z
N TYR A 2 -1.60 9.54 13.94
CA TYR A 2 -1.46 9.73 12.51
C TYR A 2 -0.01 9.49 12.14
N SER A 3 0.80 9.18 13.16
CA SER A 3 2.22 8.91 12.98
C SER A 3 2.45 7.43 12.69
N PRO A 4 3.25 7.14 11.67
CA PRO A 4 3.58 5.76 11.25
C PRO A 4 4.35 4.95 12.29
N ASN A 5 5.05 5.64 13.19
CA ASN A 5 5.86 4.98 14.21
C ASN A 5 7.10 4.32 13.61
N THR A 6 7.50 4.78 12.42
CA THR A 6 8.67 4.23 11.76
C THR A 6 9.94 4.82 12.42
N GLN A 7 11.08 4.24 12.09
CA GLN A 7 12.33 4.72 12.65
C GLN A 7 12.65 6.04 11.95
N GLN A 8 13.10 7.03 12.71
CA GLN A 8 13.43 8.33 12.15
C GLN A 8 14.30 8.16 10.91
N GLY A 9 13.92 8.79 9.80
CA GLY A 9 14.69 8.68 8.59
C GLY A 9 14.18 7.66 7.58
N ARG A 10 13.16 6.89 7.96
CA ARG A 10 12.56 5.89 7.07
C ARG A 10 11.15 6.38 6.78
N THR A 11 10.90 6.67 5.51
CA THR A 11 9.64 7.27 5.09
C THR A 11 8.59 6.53 4.26
N SER A 12 8.76 5.23 4.03
CA SER A 12 7.78 4.49 3.24
C SER A 12 7.55 3.10 3.79
N ILE A 13 6.42 2.50 3.43
CA ILE A 13 6.13 1.13 3.83
C ILE A 13 5.91 0.40 2.52
N VAL A 14 6.09 -0.91 2.52
CA VAL A 14 5.90 -1.70 1.33
C VAL A 14 4.89 -2.81 1.61
N HIS A 15 4.01 -3.05 0.65
CA HIS A 15 3.02 -4.11 0.79
C HIS A 15 3.58 -5.39 0.17
N LEU A 16 4.03 -6.32 1.03
CA LEU A 16 4.55 -7.59 0.55
C LEU A 16 3.34 -8.51 0.48
N PHE A 17 2.54 -8.27 -0.55
CA PHE A 17 1.29 -8.96 -0.84
C PHE A 17 1.42 -10.48 -0.93
N GLU A 18 0.74 -11.17 -0.02
CA GLU A 18 0.72 -12.63 0.05
C GLU A 18 2.03 -13.33 0.42
N TRP A 19 3.01 -12.56 0.89
CA TRP A 19 4.28 -13.16 1.28
C TRP A 19 4.13 -13.99 2.55
N ARG A 20 5.00 -15.00 2.70
CA ARG A 20 4.99 -15.86 3.88
C ARG A 20 5.76 -15.13 4.98
N TRP A 21 5.39 -15.37 6.22
CA TRP A 21 6.05 -14.72 7.35
C TRP A 21 7.57 -14.96 7.34
N VAL A 22 7.97 -16.20 7.09
CA VAL A 22 9.40 -16.52 7.07
C VAL A 22 10.17 -15.73 6.01
N ASP A 23 9.53 -15.51 4.86
CA ASP A 23 10.17 -14.76 3.78
C ASP A 23 10.27 -13.28 4.14
N ILE A 24 9.24 -12.76 4.82
CA ILE A 24 9.26 -11.35 5.22
C ILE A 24 10.34 -11.12 6.29
N ALA A 25 10.50 -12.08 7.20
CA ALA A 25 11.52 -11.95 8.25
C ALA A 25 12.90 -11.82 7.63
N LEU A 26 13.19 -12.69 6.66
CA LEU A 26 14.48 -12.65 5.97
C LEU A 26 14.64 -11.34 5.22
N GLU A 27 13.58 -10.93 4.54
CA GLU A 27 13.60 -9.70 3.75
C GLU A 27 13.89 -8.48 4.63
N CYS A 28 13.33 -8.44 5.84
CA CYS A 28 13.58 -7.32 6.75
C CYS A 28 15.07 -7.20 7.02
N GLU A 29 15.69 -8.33 7.30
CA GLU A 29 17.11 -8.39 7.63
C GLU A 29 18.07 -8.22 6.46
N ARG A 30 17.81 -8.89 5.35
CA ARG A 30 18.71 -8.83 4.20
C ARG A 30 18.50 -7.68 3.23
N TYR A 31 17.33 -7.05 3.25
CA TYR A 31 17.10 -5.98 2.30
C TYR A 31 16.42 -4.73 2.82
N LEU A 32 15.22 -4.88 3.37
CA LEU A 32 14.45 -3.74 3.87
C LEU A 32 15.19 -2.83 4.85
N ALA A 33 15.82 -3.42 5.86
CA ALA A 33 16.54 -2.63 6.84
C ALA A 33 17.74 -1.91 6.19
N PRO A 34 18.59 -2.65 5.48
CA PRO A 34 19.76 -2.04 4.83
C PRO A 34 19.41 -0.91 3.85
N LYS A 35 18.31 -1.07 3.12
CA LYS A 35 17.89 -0.08 2.14
C LYS A 35 17.04 1.08 2.67
N GLY A 36 16.77 1.08 3.96
CA GLY A 36 16.01 2.17 4.54
C GLY A 36 14.49 2.16 4.44
N PHE A 37 13.87 0.99 4.28
CA PHE A 37 12.42 0.93 4.21
C PHE A 37 11.85 1.06 5.62
N GLY A 38 10.77 1.81 5.77
CA GLY A 38 10.18 2.02 7.08
C GLY A 38 9.38 0.86 7.65
N GLY A 39 8.66 0.14 6.81
CA GLY A 39 7.86 -0.95 7.33
C GLY A 39 7.19 -1.80 6.27
N VAL A 40 6.43 -2.79 6.73
CA VAL A 40 5.75 -3.70 5.83
C VAL A 40 4.28 -3.89 6.15
N GLN A 41 3.45 -3.82 5.13
CA GLN A 41 2.03 -4.08 5.32
C GLN A 41 1.91 -5.56 4.94
N VAL A 42 1.40 -6.37 5.86
CA VAL A 42 1.25 -7.80 5.59
C VAL A 42 -0.20 -8.11 5.24
N SER A 43 -0.42 -9.25 4.59
CA SER A 43 -1.77 -9.68 4.23
C SER A 43 -2.43 -10.12 5.54
N PRO A 44 -3.77 -10.19 5.59
CA PRO A 44 -4.48 -10.61 6.80
C PRO A 44 -3.85 -11.83 7.45
N PRO A 45 -3.46 -11.72 8.74
CA PRO A 45 -2.83 -12.85 9.43
C PRO A 45 -3.80 -13.79 10.16
N ASN A 46 -5.09 -13.50 10.09
CA ASN A 46 -6.10 -14.33 10.75
C ASN A 46 -6.68 -15.39 9.82
N GLU A 47 -7.14 -16.49 10.41
CA GLU A 47 -7.71 -17.61 9.68
C GLU A 47 -8.85 -17.21 8.74
N ASN A 48 -8.78 -17.72 7.51
CA ASN A 48 -9.79 -17.42 6.50
C ASN A 48 -10.33 -18.70 5.85
N VAL A 49 -11.38 -18.55 5.06
CA VAL A 49 -11.99 -19.68 4.36
C VAL A 49 -11.06 -20.15 3.26
N ALA A 50 -10.94 -21.47 3.10
CA ALA A 50 -10.13 -22.06 2.05
C ALA A 50 -11.07 -22.30 0.87
N ILE A 51 -10.94 -21.48 -0.16
CA ILE A 51 -11.80 -21.59 -1.34
C ILE A 51 -11.09 -22.36 -2.45
N TYR A 52 -11.76 -23.40 -2.93
CA TYR A 52 -11.19 -24.25 -3.97
C TYR A 52 -11.78 -24.05 -5.35
N ASN A 53 -12.83 -23.24 -5.43
CA ASN A 53 -13.46 -22.94 -6.71
C ASN A 53 -13.82 -21.45 -6.76
N PRO A 54 -12.95 -20.62 -7.38
CA PRO A 54 -11.69 -20.96 -8.04
C PRO A 54 -10.63 -21.44 -7.03
N PHE A 55 -9.52 -21.98 -7.53
CA PHE A 55 -8.47 -22.51 -6.67
C PHE A 55 -7.66 -21.50 -5.86
N ARG A 56 -7.96 -21.43 -4.56
CA ARG A 56 -7.27 -20.54 -3.62
C ARG A 56 -7.00 -19.14 -4.15
N PRO A 57 -8.06 -18.36 -4.41
CA PRO A 57 -7.91 -17.00 -4.93
C PRO A 57 -7.30 -16.07 -3.87
N TRP A 58 -6.71 -14.97 -4.31
CA TRP A 58 -6.13 -14.04 -3.35
C TRP A 58 -7.21 -13.50 -2.42
N TRP A 59 -8.42 -13.32 -2.95
CA TRP A 59 -9.49 -12.75 -2.12
C TRP A 59 -10.11 -13.64 -1.05
N GLU A 60 -9.68 -14.89 -0.93
CA GLU A 60 -10.23 -15.73 0.12
C GLU A 60 -9.74 -15.19 1.48
N ARG A 61 -8.63 -14.46 1.47
CA ARG A 61 -8.08 -13.92 2.71
C ARG A 61 -8.87 -12.75 3.29
N TYR A 62 -9.90 -12.32 2.58
CA TYR A 62 -10.74 -11.23 3.04
C TYR A 62 -12.09 -11.77 3.52
N GLN A 63 -12.10 -13.06 3.83
CA GLN A 63 -13.28 -13.74 4.33
C GLN A 63 -12.89 -14.52 5.58
N PRO A 64 -12.84 -13.82 6.73
CA PRO A 64 -12.48 -14.39 8.04
C PRO A 64 -13.36 -15.52 8.56
N VAL A 65 -12.73 -16.44 9.30
CA VAL A 65 -13.39 -17.57 9.93
C VAL A 65 -13.16 -17.48 11.44
N SER A 66 -12.05 -16.87 11.83
CA SER A 66 -11.70 -16.69 13.25
C SER A 66 -10.53 -15.71 13.32
N TYR A 67 -10.06 -15.44 14.54
CA TYR A 67 -8.94 -14.53 14.71
C TYR A 67 -7.64 -15.26 15.08
N LYS A 68 -7.59 -16.54 14.76
CA LYS A 68 -6.39 -17.36 15.00
C LYS A 68 -5.34 -16.94 13.98
N LEU A 69 -4.10 -16.78 14.42
CA LEU A 69 -3.01 -16.39 13.51
C LEU A 69 -2.54 -17.65 12.80
N CYS A 70 -3.32 -18.08 11.82
CA CYS A 70 -3.02 -19.30 11.12
C CYS A 70 -3.55 -19.21 9.69
N THR A 71 -2.62 -18.97 8.77
CA THR A 71 -2.95 -18.77 7.35
C THR A 71 -1.91 -19.42 6.43
N ARG A 72 -2.09 -19.25 5.12
CA ARG A 72 -1.15 -19.80 4.17
C ARG A 72 0.21 -19.11 4.30
N SER A 73 0.24 -17.97 4.99
CA SER A 73 1.50 -17.24 5.20
C SER A 73 2.30 -17.84 6.36
N GLY A 74 1.63 -18.57 7.23
CA GLY A 74 2.31 -19.18 8.36
C GLY A 74 1.45 -19.23 9.62
N ASN A 75 2.01 -19.72 10.71
CA ASN A 75 1.28 -19.82 11.97
C ASN A 75 1.69 -18.70 12.92
N GLU A 76 1.16 -18.73 14.14
CA GLU A 76 1.46 -17.70 15.12
C GLU A 76 2.93 -17.60 15.52
N ASP A 77 3.62 -18.74 15.64
CA ASP A 77 5.03 -18.71 16.00
C ASP A 77 5.83 -18.00 14.94
N GLU A 78 5.58 -18.37 13.69
CA GLU A 78 6.27 -17.78 12.56
C GLU A 78 5.93 -16.28 12.46
N PHE A 79 4.69 -15.94 12.81
CA PHE A 79 4.27 -14.55 12.76
C PHE A 79 5.03 -13.74 13.82
N ARG A 80 5.06 -14.24 15.05
CA ARG A 80 5.77 -13.54 16.13
C ARG A 80 7.25 -13.42 15.79
N ASN A 81 7.82 -14.49 15.25
CA ASN A 81 9.23 -14.49 14.88
C ASN A 81 9.53 -13.37 13.88
N MET A 82 8.65 -13.24 12.89
CA MET A 82 8.79 -12.21 11.87
C MET A 82 8.73 -10.81 12.48
N VAL A 83 7.72 -10.56 13.31
CA VAL A 83 7.58 -9.26 13.94
C VAL A 83 8.80 -8.90 14.79
N THR A 84 9.28 -9.87 15.56
CA THR A 84 10.45 -9.65 16.41
C THR A 84 11.69 -9.33 15.60
N ARG A 85 12.00 -10.16 14.62
CA ARG A 85 13.18 -9.95 13.80
C ARG A 85 13.12 -8.64 13.02
N CYS A 86 11.96 -8.33 12.47
CA CYS A 86 11.81 -7.08 11.73
C CYS A 86 11.99 -5.88 12.66
N ASN A 87 11.34 -5.91 13.81
CA ASN A 87 11.46 -4.81 14.77
C ASN A 87 12.91 -4.63 15.23
N ASN A 88 13.62 -5.72 15.47
CA ASN A 88 15.00 -5.61 15.92
C ASN A 88 15.92 -4.99 14.88
N VAL A 89 15.43 -4.87 13.66
CA VAL A 89 16.23 -4.28 12.60
C VAL A 89 15.65 -2.92 12.18
N GLY A 90 14.68 -2.44 12.97
CA GLY A 90 14.06 -1.15 12.69
C GLY A 90 12.99 -1.08 11.61
N VAL A 91 12.44 -2.24 11.22
CA VAL A 91 11.40 -2.28 10.18
C VAL A 91 10.06 -2.68 10.83
N ARG A 92 9.09 -1.76 10.78
CA ARG A 92 7.78 -2.01 11.39
C ARG A 92 6.85 -2.89 10.59
N ILE A 93 5.88 -3.46 11.30
CA ILE A 93 4.88 -4.33 10.70
C ILE A 93 3.50 -3.73 10.90
N TYR A 94 2.74 -3.64 9.82
CA TYR A 94 1.38 -3.10 9.86
C TYR A 94 0.44 -4.21 9.40
N VAL A 95 -0.58 -4.48 10.20
CA VAL A 95 -1.51 -5.56 9.90
C VAL A 95 -2.76 -5.13 9.15
N ASP A 96 -3.12 -5.93 8.14
CA ASP A 96 -4.32 -5.70 7.36
C ASP A 96 -5.43 -6.29 8.20
N ALA A 97 -6.20 -5.44 8.88
CA ALA A 97 -7.27 -5.87 9.76
C ALA A 97 -8.63 -5.93 9.07
N VAL A 98 -9.14 -7.16 8.89
CA VAL A 98 -10.43 -7.38 8.25
C VAL A 98 -11.44 -7.54 9.38
N ILE A 99 -12.04 -6.41 9.78
CA ILE A 99 -12.97 -6.41 10.91
C ILE A 99 -14.41 -6.01 10.62
N ASN A 100 -14.72 -5.71 9.36
CA ASN A 100 -16.09 -5.33 9.01
C ASN A 100 -17.01 -6.52 8.82
N HIS A 101 -16.43 -7.66 8.44
CA HIS A 101 -17.23 -8.83 8.15
C HIS A 101 -16.51 -10.14 8.41
N MET A 102 -17.25 -11.23 8.21
CA MET A 102 -16.70 -12.58 8.31
C MET A 102 -16.81 -13.07 6.86
N CYS A 103 -17.00 -14.36 6.63
CA CYS A 103 -17.07 -14.86 5.24
C CYS A 103 -18.42 -14.71 4.53
N GLY A 104 -18.47 -15.13 3.26
CA GLY A 104 -19.69 -15.04 2.48
C GLY A 104 -20.83 -15.84 3.08
N ASN A 105 -22.03 -15.27 3.05
CA ASN A 105 -23.19 -15.94 3.62
C ASN A 105 -23.54 -17.23 2.89
N ALA A 106 -23.06 -17.35 1.66
CA ALA A 106 -23.34 -18.54 0.85
C ALA A 106 -22.29 -19.63 0.96
N VAL A 107 -21.21 -19.37 1.69
CA VAL A 107 -20.15 -20.35 1.86
C VAL A 107 -20.62 -21.56 2.65
N SER A 108 -20.23 -22.76 2.21
CA SER A 108 -20.62 -24.00 2.86
C SER A 108 -20.06 -24.18 4.27
N ALA A 109 -20.92 -24.65 5.17
CA ALA A 109 -20.51 -24.90 6.55
C ALA A 109 -19.54 -26.07 6.55
N GLY A 110 -18.62 -26.10 7.51
CA GLY A 110 -17.67 -27.20 7.56
C GLY A 110 -16.35 -26.74 8.15
N THR A 111 -15.27 -27.39 7.74
CA THR A 111 -13.95 -27.03 8.26
C THR A 111 -12.99 -26.65 7.15
N SER A 112 -13.53 -26.13 6.06
CA SER A 112 -12.74 -25.70 4.92
C SER A 112 -12.15 -24.32 5.24
N SER A 113 -11.27 -24.29 6.24
CA SER A 113 -10.63 -23.05 6.69
C SER A 113 -9.12 -23.29 6.76
N THR A 114 -8.33 -22.22 6.78
CA THR A 114 -6.88 -22.39 6.79
C THR A 114 -6.29 -22.99 8.04
N CYS A 115 -7.10 -23.17 9.08
CA CYS A 115 -6.61 -23.77 10.31
C CYS A 115 -7.51 -24.90 10.79
N GLY A 116 -8.49 -25.27 9.98
CA GLY A 116 -9.38 -26.35 10.34
C GLY A 116 -10.52 -25.97 11.25
N SER A 117 -10.62 -24.68 11.60
CA SER A 117 -11.71 -24.23 12.46
C SER A 117 -13.05 -24.49 11.81
N TYR A 118 -14.04 -24.88 12.61
CA TYR A 118 -15.37 -25.12 12.10
C TYR A 118 -16.15 -23.81 12.07
N PHE A 119 -16.94 -23.62 11.03
CA PHE A 119 -17.77 -22.44 10.89
C PHE A 119 -19.03 -22.79 10.11
N ASN A 120 -20.09 -22.01 10.31
CA ASN A 120 -21.35 -22.27 9.62
C ASN A 120 -22.00 -20.95 9.24
N PRO A 121 -21.71 -20.44 8.04
CA PRO A 121 -22.27 -19.17 7.56
C PRO A 121 -23.80 -19.15 7.60
N GLY A 122 -24.42 -20.24 7.17
CA GLY A 122 -25.87 -20.32 7.15
C GLY A 122 -26.52 -19.95 8.47
N SER A 123 -26.06 -20.55 9.56
CA SER A 123 -26.64 -20.26 10.86
C SER A 123 -25.87 -19.20 11.64
N ARG A 124 -24.99 -18.46 10.95
CA ARG A 124 -24.20 -17.40 11.58
C ARG A 124 -23.39 -17.93 12.76
N ASP A 125 -22.81 -19.11 12.59
CA ASP A 125 -22.04 -19.71 13.67
C ASP A 125 -20.53 -19.80 13.43
N PHE A 126 -19.78 -19.07 14.25
CA PHE A 126 -18.31 -19.07 14.16
C PHE A 126 -17.78 -19.32 15.57
N PRO A 127 -17.89 -20.58 16.05
CA PRO A 127 -17.45 -21.00 17.39
C PRO A 127 -16.00 -20.69 17.79
N ALA A 128 -15.12 -20.53 16.83
CA ALA A 128 -13.73 -20.24 17.16
C ALA A 128 -13.49 -18.83 17.68
N VAL A 129 -14.46 -17.93 17.52
CA VAL A 129 -14.29 -16.56 18.00
C VAL A 129 -14.65 -16.34 19.46
N PRO A 130 -15.92 -16.60 19.84
CA PRO A 130 -17.05 -17.08 19.05
C PRO A 130 -18.06 -15.98 18.71
N TYR A 131 -18.75 -16.15 17.59
CA TYR A 131 -19.80 -15.23 17.17
C TYR A 131 -21.03 -16.08 16.89
N SER A 132 -22.21 -15.48 17.04
CA SER A 132 -23.46 -16.18 16.76
C SER A 132 -24.35 -15.25 15.94
N GLY A 133 -25.57 -15.69 15.66
CA GLY A 133 -26.48 -14.86 14.89
C GLY A 133 -26.73 -13.49 15.50
N TRP A 134 -26.59 -13.38 16.81
CA TRP A 134 -26.81 -12.11 17.50
C TRP A 134 -25.71 -11.08 17.23
N ASP A 135 -24.64 -11.53 16.59
CA ASP A 135 -23.50 -10.65 16.32
C ASP A 135 -23.42 -10.06 14.92
N PHE A 136 -24.46 -10.25 14.10
CA PHE A 136 -24.47 -9.75 12.73
C PHE A 136 -25.61 -8.77 12.47
N ASN A 137 -25.46 -7.94 11.44
CA ASN A 137 -26.46 -6.94 11.11
C ASN A 137 -27.66 -7.40 10.28
N ASP A 138 -27.92 -8.70 10.25
CA ASP A 138 -29.04 -9.21 9.47
C ASP A 138 -30.35 -8.48 9.80
N GLY A 139 -30.63 -8.29 11.07
CA GLY A 139 -31.85 -7.61 11.45
C GLY A 139 -31.80 -6.11 11.29
N LYS A 140 -30.60 -5.56 11.11
CA LYS A 140 -30.44 -4.12 10.96
C LYS A 140 -30.53 -3.66 9.50
N CYS A 141 -29.97 -4.45 8.58
CA CYS A 141 -29.99 -4.10 7.17
C CYS A 141 -31.42 -4.02 6.64
N LYS A 142 -31.72 -2.99 5.86
CA LYS A 142 -33.07 -2.77 5.34
C LYS A 142 -33.31 -3.12 3.87
N THR A 143 -32.28 -3.56 3.15
CA THR A 143 -32.45 -3.89 1.74
C THR A 143 -33.20 -5.21 1.55
N GLY A 144 -33.85 -5.36 0.39
CA GLY A 144 -34.60 -6.57 0.13
C GLY A 144 -33.73 -7.81 -0.03
N SER A 145 -32.49 -7.61 -0.49
CA SER A 145 -31.57 -8.72 -0.69
C SER A 145 -30.67 -8.96 0.53
N GLY A 146 -30.56 -7.96 1.39
CA GLY A 146 -29.71 -8.12 2.55
C GLY A 146 -28.28 -7.69 2.22
N ASP A 147 -28.02 -7.36 0.96
CA ASP A 147 -26.70 -6.90 0.54
C ASP A 147 -26.79 -5.41 0.24
N ILE A 148 -25.64 -4.79 0.02
CA ILE A 148 -25.60 -3.37 -0.31
C ILE A 148 -26.08 -3.27 -1.75
N GLU A 149 -27.14 -2.50 -1.96
CA GLU A 149 -27.71 -2.34 -3.29
C GLU A 149 -27.52 -0.97 -3.92
N ASN A 150 -27.48 0.06 -3.07
CA ASN A 150 -27.33 1.43 -3.54
C ASN A 150 -26.30 2.18 -2.70
N TYR A 151 -25.19 2.58 -3.32
CA TYR A 151 -24.16 3.31 -2.59
C TYR A 151 -24.51 4.76 -2.28
N ASN A 152 -25.69 5.19 -2.71
CA ASN A 152 -26.14 6.56 -2.46
C ASN A 152 -26.84 6.62 -1.10
N ASP A 153 -27.01 5.46 -0.49
CA ASP A 153 -27.64 5.36 0.82
C ASP A 153 -26.53 5.00 1.80
N ALA A 154 -26.05 5.99 2.54
CA ALA A 154 -24.96 5.78 3.48
C ALA A 154 -25.26 4.76 4.57
N THR A 155 -26.54 4.54 4.85
CA THR A 155 -26.93 3.60 5.89
C THR A 155 -26.75 2.14 5.47
N GLN A 156 -27.26 1.76 4.30
CA GLN A 156 -27.09 0.37 3.88
C GLN A 156 -25.64 0.05 3.54
N VAL A 157 -24.87 1.06 3.17
CA VAL A 157 -23.46 0.86 2.84
C VAL A 157 -22.74 0.35 4.10
N ARG A 158 -23.23 0.77 5.26
CA ARG A 158 -22.64 0.37 6.54
C ARG A 158 -23.31 -0.83 7.21
N ASP A 159 -24.63 -0.93 7.11
CA ASP A 159 -25.37 -2.00 7.77
C ASP A 159 -25.66 -3.26 6.97
N CYS A 160 -25.42 -3.22 5.66
CA CYS A 160 -25.71 -4.39 4.84
C CYS A 160 -24.45 -5.12 4.38
N ARG A 161 -24.65 -6.31 3.83
CA ARG A 161 -23.53 -7.13 3.39
C ARG A 161 -22.85 -6.70 2.10
N LEU A 162 -21.54 -6.48 2.19
CA LEU A 162 -20.74 -6.10 1.04
C LEU A 162 -20.62 -7.36 0.20
N THR A 163 -21.31 -7.38 -0.95
CA THR A 163 -21.33 -8.52 -1.84
C THR A 163 -21.50 -9.85 -1.09
N GLY A 164 -22.46 -9.89 -0.18
CA GLY A 164 -22.73 -11.12 0.55
C GLY A 164 -21.94 -11.46 1.80
N LEU A 165 -20.88 -10.71 2.11
CA LEU A 165 -20.07 -10.98 3.30
C LEU A 165 -20.85 -10.68 4.57
N LEU A 166 -20.92 -11.64 5.49
CA LEU A 166 -21.66 -11.44 6.75
C LEU A 166 -21.13 -10.19 7.46
N ASP A 167 -22.04 -9.24 7.70
CA ASP A 167 -21.70 -7.96 8.31
C ASP A 167 -21.81 -7.94 9.84
N LEU A 168 -20.66 -7.72 10.50
CA LEU A 168 -20.62 -7.69 11.97
C LEU A 168 -21.33 -6.50 12.57
N ALA A 169 -22.08 -6.75 13.65
CA ALA A 169 -22.82 -5.70 14.35
C ALA A 169 -21.82 -4.97 15.25
N LEU A 170 -21.04 -4.08 14.63
CA LEU A 170 -20.00 -3.33 15.32
C LEU A 170 -20.48 -2.34 16.39
N GLU A 171 -21.79 -2.21 16.56
CA GLU A 171 -22.28 -1.29 17.59
C GLU A 171 -22.33 -2.02 18.94
N LYS A 172 -22.32 -3.34 18.91
CA LYS A 172 -22.37 -4.16 20.14
C LYS A 172 -21.03 -4.19 20.87
N ASP A 173 -21.07 -3.98 22.18
CA ASP A 173 -19.84 -4.01 22.96
C ASP A 173 -19.12 -5.35 22.83
N TYR A 174 -19.89 -6.44 22.83
CA TYR A 174 -19.28 -7.76 22.72
C TYR A 174 -18.43 -7.91 21.46
N VAL A 175 -18.99 -7.51 20.32
CA VAL A 175 -18.28 -7.60 19.06
C VAL A 175 -17.06 -6.69 19.06
N ARG A 176 -17.23 -5.47 19.55
CA ARG A 176 -16.12 -4.52 19.62
C ARG A 176 -15.00 -5.07 20.48
N SER A 177 -15.37 -5.77 21.54
CA SER A 177 -14.39 -6.36 22.44
C SER A 177 -13.62 -7.52 21.82
N LYS A 178 -14.31 -8.37 21.06
CA LYS A 178 -13.63 -9.50 20.43
C LYS A 178 -12.63 -8.98 19.40
N ILE A 179 -13.01 -7.92 18.71
CA ILE A 179 -12.14 -7.32 17.70
C ILE A 179 -10.93 -6.65 18.38
N ALA A 180 -11.19 -5.93 19.47
CA ALA A 180 -10.10 -5.27 20.18
C ALA A 180 -9.17 -6.32 20.81
N GLU A 181 -9.75 -7.42 21.27
CA GLU A 181 -8.95 -8.47 21.88
C GLU A 181 -7.97 -8.97 20.82
N TYR A 182 -8.46 -9.13 19.60
CA TYR A 182 -7.63 -9.59 18.48
C TYR A 182 -6.52 -8.58 18.17
N MET A 183 -6.89 -7.31 18.06
CA MET A 183 -5.91 -6.28 17.74
C MET A 183 -4.88 -6.05 18.85
N ASN A 184 -5.31 -6.12 20.11
CA ASN A 184 -4.38 -5.92 21.22
C ASN A 184 -3.38 -7.08 21.30
N HIS A 185 -3.80 -8.26 20.88
CA HIS A 185 -2.92 -9.43 20.88
C HIS A 185 -1.77 -9.11 19.92
N LEU A 186 -2.11 -8.55 18.76
CA LEU A 186 -1.11 -8.19 17.76
C LEU A 186 -0.23 -7.03 18.23
N ILE A 187 -0.83 -6.05 18.90
CA ILE A 187 -0.08 -4.92 19.42
C ILE A 187 0.96 -5.42 20.42
N ASP A 188 0.55 -6.30 21.33
CA ASP A 188 1.47 -6.83 22.32
C ASP A 188 2.57 -7.69 21.67
N ILE A 189 2.27 -8.22 20.49
CA ILE A 189 3.24 -9.02 19.77
C ILE A 189 4.33 -8.08 19.22
N GLY A 190 3.92 -6.86 18.88
CA GLY A 190 4.87 -5.90 18.37
C GLY A 190 4.52 -5.13 17.11
N VAL A 191 3.32 -5.33 16.56
CA VAL A 191 2.93 -4.60 15.35
C VAL A 191 2.83 -3.10 15.66
N ALA A 192 3.09 -2.27 14.66
CA ALA A 192 3.09 -0.82 14.84
C ALA A 192 1.80 -0.11 14.42
N GLY A 193 0.90 -0.82 13.76
CA GLY A 193 -0.33 -0.19 13.32
C GLY A 193 -1.18 -1.10 12.45
N PHE A 194 -2.28 -0.56 11.93
CA PHE A 194 -3.18 -1.36 11.12
C PHE A 194 -3.80 -0.65 9.93
N ARG A 195 -4.13 -1.45 8.92
CA ARG A 195 -4.83 -0.97 7.74
C ARG A 195 -6.24 -1.47 8.07
N LEU A 196 -7.21 -0.56 8.19
CA LEU A 196 -8.55 -1.02 8.49
C LEU A 196 -9.26 -1.25 7.17
N ASP A 197 -9.42 -2.52 6.85
CA ASP A 197 -10.07 -2.95 5.61
C ASP A 197 -11.55 -2.55 5.59
N ALA A 198 -12.00 -2.11 4.41
CA ALA A 198 -13.40 -1.74 4.21
C ALA A 198 -13.97 -0.76 5.23
N SER A 199 -13.21 0.28 5.57
CA SER A 199 -13.66 1.27 6.55
C SER A 199 -14.89 2.04 6.13
N LYS A 200 -15.08 2.18 4.82
CA LYS A 200 -16.24 2.88 4.27
C LYS A 200 -17.52 2.17 4.71
N HIS A 201 -17.41 0.86 4.92
CA HIS A 201 -18.53 0.03 5.29
C HIS A 201 -18.77 -0.09 6.79
N MET A 202 -18.08 0.76 7.56
CA MET A 202 -18.23 0.80 9.01
C MET A 202 -18.48 2.25 9.41
N TRP A 203 -19.26 2.45 10.47
CA TRP A 203 -19.56 3.80 10.94
C TRP A 203 -18.32 4.35 11.61
N PRO A 204 -17.97 5.61 11.33
CA PRO A 204 -16.79 6.22 11.94
C PRO A 204 -16.81 6.08 13.46
N GLY A 205 -18.00 6.19 14.04
CA GLY A 205 -18.16 6.08 15.48
C GLY A 205 -17.89 4.69 16.01
N ASP A 206 -18.22 3.66 15.23
CA ASP A 206 -17.98 2.30 15.68
C ASP A 206 -16.47 2.04 15.67
N ILE A 207 -15.79 2.55 14.65
CA ILE A 207 -14.35 2.38 14.55
C ILE A 207 -13.69 3.04 15.77
N LYS A 208 -14.13 4.26 16.08
CA LYS A 208 -13.58 5.00 17.22
C LYS A 208 -13.73 4.22 18.53
N ALA A 209 -14.88 3.62 18.74
CA ALA A 209 -15.14 2.85 19.96
C ALA A 209 -14.15 1.70 20.09
N ILE A 210 -13.84 1.07 18.97
CA ILE A 210 -12.90 -0.05 18.94
C ILE A 210 -11.49 0.47 19.23
N LEU A 211 -11.12 1.56 18.58
CA LEU A 211 -9.81 2.15 18.78
C LEU A 211 -9.59 2.57 20.24
N ASP A 212 -10.66 3.00 20.91
CA ASP A 212 -10.55 3.42 22.31
C ASP A 212 -10.23 2.24 23.23
N LYS A 213 -10.32 1.02 22.71
CA LYS A 213 -10.04 -0.18 23.49
C LYS A 213 -8.61 -0.70 23.28
N LEU A 214 -7.88 -0.07 22.38
CA LEU A 214 -6.51 -0.49 22.06
C LEU A 214 -5.43 -0.01 23.03
N HIS A 215 -4.41 -0.84 23.23
CA HIS A 215 -3.27 -0.52 24.10
C HIS A 215 -2.28 0.35 23.35
N ASN A 216 -1.27 0.82 24.08
CA ASN A 216 -0.19 1.59 23.48
C ASN A 216 0.77 0.53 22.94
N LEU A 217 1.69 0.92 22.06
CA LEU A 217 2.62 -0.02 21.44
C LEU A 217 3.58 -0.68 22.45
N ASN A 218 4.07 -1.86 22.08
CA ASN A 218 4.98 -2.63 22.93
C ASN A 218 6.18 -1.80 23.40
N SER A 219 6.26 -1.57 24.71
CA SER A 219 7.33 -0.74 25.28
C SER A 219 8.74 -1.31 25.17
N ASN A 220 8.86 -2.53 24.66
CA ASN A 220 10.18 -3.14 24.47
C ASN A 220 10.81 -2.58 23.19
N TRP A 221 9.97 -2.08 22.29
CA TRP A 221 10.46 -1.52 21.03
C TRP A 221 10.07 -0.06 20.82
N PHE A 222 8.97 0.37 21.43
CA PHE A 222 8.52 1.75 21.24
C PHE A 222 8.48 2.55 22.54
N PRO A 223 8.64 3.88 22.43
CA PRO A 223 8.61 4.73 23.62
C PRO A 223 7.22 4.72 24.25
N ALA A 224 7.16 4.95 25.56
CA ALA A 224 5.89 4.96 26.26
C ALA A 224 4.93 5.98 25.65
N GLY A 225 3.65 5.61 25.58
CA GLY A 225 2.66 6.50 25.02
C GLY A 225 2.47 6.43 23.52
N SER A 226 3.18 5.52 22.86
CA SER A 226 3.06 5.37 21.42
C SER A 226 1.71 4.74 21.07
N LYS A 227 1.00 5.34 20.12
CA LYS A 227 -0.29 4.83 19.70
C LYS A 227 -0.15 4.16 18.34
N PRO A 228 -0.92 3.09 18.09
CA PRO A 228 -0.80 2.43 16.79
C PRO A 228 -1.17 3.32 15.61
N PHE A 229 -0.44 3.15 14.52
CA PHE A 229 -0.67 3.90 13.29
C PHE A 229 -1.94 3.32 12.66
N ILE A 230 -2.91 4.18 12.36
CA ILE A 230 -4.15 3.74 11.77
C ILE A 230 -4.41 4.38 10.41
N TYR A 231 -4.58 3.57 9.38
CA TYR A 231 -4.96 4.10 8.08
C TYR A 231 -6.16 3.29 7.63
N GLN A 232 -7.24 4.01 7.34
CA GLN A 232 -8.51 3.40 6.95
C GLN A 232 -8.73 3.33 5.45
N GLU A 233 -9.13 2.17 4.95
CA GLU A 233 -9.39 2.06 3.52
C GLU A 233 -10.77 2.60 3.27
N VAL A 234 -10.82 3.80 2.72
CA VAL A 234 -12.08 4.44 2.38
C VAL A 234 -11.92 4.88 0.93
N ILE A 235 -12.75 4.34 0.06
CA ILE A 235 -12.68 4.71 -1.35
C ILE A 235 -13.63 5.87 -1.57
N ASP A 236 -13.07 7.05 -1.73
CA ASP A 236 -13.86 8.26 -1.93
C ASP A 236 -13.34 9.01 -3.15
N LEU A 237 -14.03 8.83 -4.27
CA LEU A 237 -13.64 9.49 -5.51
C LEU A 237 -14.65 10.60 -5.78
N GLY A 238 -15.40 10.96 -4.75
CA GLY A 238 -16.42 11.98 -4.88
C GLY A 238 -17.69 11.38 -5.45
N GLY A 239 -18.79 12.11 -5.37
CA GLY A 239 -20.05 11.62 -5.91
C GLY A 239 -20.83 10.68 -5.00
N GLU A 240 -20.36 10.48 -3.78
CA GLU A 240 -21.07 9.61 -2.85
C GLU A 240 -21.38 10.36 -1.56
N PRO A 241 -22.40 9.90 -0.82
CA PRO A 241 -22.79 10.55 0.44
C PRO A 241 -21.71 10.43 1.53
N ILE A 242 -20.88 9.39 1.43
CA ILE A 242 -19.82 9.17 2.40
C ILE A 242 -18.55 9.91 1.98
N LYS A 243 -17.95 10.62 2.93
CA LYS A 243 -16.73 11.37 2.67
C LYS A 243 -15.59 10.83 3.53
N SER A 244 -14.39 10.76 2.97
CA SER A 244 -13.26 10.27 3.73
C SER A 244 -12.94 11.17 4.91
N SER A 245 -13.37 12.44 4.85
CA SER A 245 -13.11 13.39 5.94
C SER A 245 -13.86 12.99 7.22
N ASP A 246 -14.94 12.23 7.07
CA ASP A 246 -15.72 11.80 8.23
C ASP A 246 -14.90 10.86 9.10
N TYR A 247 -13.81 10.33 8.55
CA TYR A 247 -12.96 9.39 9.28
C TYR A 247 -11.66 9.97 9.84
N PHE A 248 -11.42 11.26 9.66
CA PHE A 248 -10.17 11.87 10.13
C PHE A 248 -9.93 11.75 11.62
N GLY A 249 -10.99 11.63 12.41
CA GLY A 249 -10.82 11.51 13.84
C GLY A 249 -10.23 10.18 14.30
N ASN A 250 -10.20 9.18 13.42
CA ASN A 250 -9.68 7.86 13.77
C ASN A 250 -8.26 7.61 13.30
N GLY A 251 -7.82 8.37 12.28
CA GLY A 251 -6.49 8.19 11.75
C GLY A 251 -6.43 8.63 10.31
N ARG A 252 -5.43 8.16 9.58
CA ARG A 252 -5.30 8.52 8.17
C ARG A 252 -6.29 7.76 7.31
N VAL A 253 -6.36 8.15 6.03
CA VAL A 253 -7.24 7.49 5.09
C VAL A 253 -6.48 7.29 3.78
N THR A 254 -6.85 6.23 3.06
CA THR A 254 -6.26 5.92 1.77
C THR A 254 -6.81 6.97 0.80
N GLU A 255 -5.94 7.62 0.05
CA GLU A 255 -6.40 8.60 -0.92
C GLU A 255 -6.37 7.93 -2.30
N PHE A 256 -7.50 7.33 -2.69
CA PHE A 256 -7.57 6.66 -3.98
C PHE A 256 -7.59 7.59 -5.19
N LYS A 257 -7.87 8.88 -4.95
CA LYS A 257 -7.89 9.83 -6.05
C LYS A 257 -6.46 10.03 -6.54
N TYR A 258 -5.51 9.81 -5.64
CA TYR A 258 -4.09 9.98 -5.96
C TYR A 258 -3.63 9.14 -7.14
N GLY A 259 -3.72 7.81 -7.02
CA GLY A 259 -3.31 6.93 -8.09
C GLY A 259 -4.15 7.05 -9.34
N ALA A 260 -5.44 7.26 -9.18
CA ALA A 260 -6.34 7.37 -10.32
C ALA A 260 -5.96 8.57 -11.19
N LYS A 261 -5.75 9.72 -10.57
CA LYS A 261 -5.39 10.92 -11.31
C LYS A 261 -3.96 10.89 -11.84
N LEU A 262 -3.04 10.34 -11.06
CA LEU A 262 -1.65 10.28 -11.49
C LEU A 262 -1.56 9.38 -12.72
N GLY A 263 -2.37 8.33 -12.74
CA GLY A 263 -2.38 7.41 -13.87
C GLY A 263 -2.89 8.07 -15.14
N THR A 264 -3.96 8.85 -15.04
CA THR A 264 -4.50 9.50 -16.23
C THR A 264 -3.53 10.57 -16.76
N VAL A 265 -2.85 11.25 -15.85
CA VAL A 265 -1.90 12.29 -16.24
C VAL A 265 -0.69 11.70 -16.96
N ILE A 266 -0.11 10.65 -16.39
CA ILE A 266 1.05 10.01 -16.98
C ILE A 266 0.73 9.29 -18.28
N ARG A 267 -0.49 8.77 -18.40
CA ARG A 267 -0.91 8.10 -19.62
C ARG A 267 -1.30 9.18 -20.63
N LYS A 268 -1.43 10.40 -20.14
CA LYS A 268 -1.80 11.55 -20.96
C LYS A 268 -3.21 11.40 -21.53
N TRP A 269 -4.11 10.87 -20.70
CA TRP A 269 -5.49 10.68 -21.10
C TRP A 269 -6.29 11.98 -21.07
N ASN A 270 -7.17 12.13 -22.06
CA ASN A 270 -8.02 13.30 -22.23
C ASN A 270 -7.40 14.66 -21.94
N GLY A 271 -6.30 14.97 -22.62
CA GLY A 271 -5.65 16.25 -22.47
C GLY A 271 -4.80 16.54 -21.25
N GLU A 272 -4.72 15.59 -20.32
CA GLU A 272 -3.90 15.80 -19.13
C GLU A 272 -2.42 15.86 -19.49
N LYS A 273 -1.66 16.64 -18.74
CA LYS A 273 -0.23 16.78 -18.98
C LYS A 273 0.50 16.97 -17.65
N MET A 274 1.75 16.52 -17.59
CA MET A 274 2.54 16.63 -16.37
C MET A 274 2.73 18.04 -15.85
N SER A 275 2.66 19.03 -16.74
CA SER A 275 2.82 20.42 -16.31
C SER A 275 1.72 20.83 -15.33
N TYR A 276 0.59 20.13 -15.38
CA TYR A 276 -0.52 20.42 -14.49
C TYR A 276 -0.25 19.97 -13.04
N LEU A 277 0.78 19.16 -12.85
CA LEU A 277 1.12 18.66 -11.51
C LEU A 277 1.82 19.67 -10.62
N LYS A 278 1.96 20.89 -11.10
CA LYS A 278 2.62 21.95 -10.33
C LYS A 278 1.99 22.12 -8.95
N ASN A 279 0.66 22.02 -8.88
CA ASN A 279 -0.04 22.18 -7.60
C ASN A 279 -0.62 20.86 -7.09
N TRP A 280 0.05 19.76 -7.42
CA TRP A 280 -0.36 18.42 -7.00
C TRP A 280 -0.55 18.39 -5.48
N GLY A 281 -1.56 17.67 -5.02
CA GLY A 281 -1.83 17.59 -3.60
C GLY A 281 -3.22 18.10 -3.29
N GLU A 282 -3.38 18.81 -2.16
CA GLU A 282 -4.69 19.33 -1.80
C GLU A 282 -5.25 20.18 -2.94
N GLY A 283 -4.34 20.79 -3.71
CA GLY A 283 -4.73 21.62 -4.82
C GLY A 283 -5.54 20.86 -5.85
N TRP A 284 -5.53 19.53 -5.78
CA TRP A 284 -6.30 18.70 -6.71
C TRP A 284 -7.51 18.11 -6.00
N GLY A 285 -7.84 18.66 -4.84
CA GLY A 285 -8.99 18.18 -4.10
C GLY A 285 -8.72 16.93 -3.29
N PHE A 286 -7.47 16.68 -2.95
CA PHE A 286 -7.12 15.50 -2.15
C PHE A 286 -7.26 15.87 -0.68
N VAL A 287 -7.30 14.87 0.18
CA VAL A 287 -7.40 15.09 1.62
C VAL A 287 -6.09 15.74 2.09
N PRO A 288 -6.07 16.30 3.29
CA PRO A 288 -4.85 16.94 3.81
C PRO A 288 -3.71 15.93 3.80
N SER A 289 -2.50 16.39 3.48
CA SER A 289 -1.33 15.54 3.41
C SER A 289 -1.10 14.70 4.68
N ASP A 290 -1.28 15.32 5.85
CA ASP A 290 -1.06 14.61 7.10
C ASP A 290 -2.16 13.60 7.47
N ARG A 291 -3.14 13.44 6.60
CA ARG A 291 -4.21 12.45 6.85
C ARG A 291 -4.24 11.47 5.68
N ALA A 292 -3.25 11.57 4.81
CA ALA A 292 -3.22 10.70 3.63
C ALA A 292 -2.17 9.61 3.58
N LEU A 293 -2.59 8.47 3.06
CA LEU A 293 -1.73 7.31 2.84
C LEU A 293 -1.86 7.22 1.32
N VAL A 294 -0.77 7.44 0.59
CA VAL A 294 -0.81 7.41 -0.88
C VAL A 294 -0.11 6.21 -1.49
N PHE A 295 -0.44 5.94 -2.75
CA PHE A 295 0.11 4.81 -3.48
C PHE A 295 -0.31 4.93 -4.95
N VAL A 296 0.44 4.28 -5.84
CA VAL A 296 0.10 4.31 -7.27
C VAL A 296 -0.98 3.28 -7.56
N ASP A 297 -0.76 2.06 -7.08
CA ASP A 297 -1.71 0.98 -7.23
C ASP A 297 -1.74 0.20 -5.91
N ASN A 298 -2.80 -0.58 -5.70
CA ASN A 298 -2.89 -1.38 -4.48
C ASN A 298 -3.29 -2.79 -4.93
N HIS A 299 -3.35 -3.74 -4.00
CA HIS A 299 -3.66 -5.12 -4.39
C HIS A 299 -4.98 -5.31 -5.11
N ASP A 300 -5.97 -4.48 -4.81
CA ASP A 300 -7.27 -4.57 -5.47
C ASP A 300 -7.29 -4.02 -6.90
N ASN A 301 -6.91 -2.75 -7.04
CA ASN A 301 -6.99 -2.13 -8.35
C ASN A 301 -5.91 -2.44 -9.38
N GLN A 302 -4.86 -3.17 -8.99
CA GLN A 302 -3.84 -3.50 -9.98
C GLN A 302 -4.40 -4.64 -10.82
N ARG A 303 -5.50 -5.22 -10.36
CA ARG A 303 -6.17 -6.31 -11.07
C ARG A 303 -7.64 -5.96 -11.32
N GLY A 304 -7.93 -4.67 -11.37
CA GLY A 304 -9.28 -4.19 -11.64
C GLY A 304 -10.37 -4.51 -10.62
N HIS A 305 -10.00 -4.71 -9.36
CA HIS A 305 -10.95 -5.04 -8.31
C HIS A 305 -11.32 -3.93 -7.33
N GLY A 306 -10.70 -2.76 -7.47
CA GLY A 306 -11.02 -1.70 -6.52
C GLY A 306 -11.65 -0.47 -7.15
N ALA A 307 -10.92 0.64 -7.07
CA ALA A 307 -11.37 1.91 -7.63
C ALA A 307 -10.19 2.52 -8.37
N GLY A 308 -10.48 3.23 -9.45
CA GLY A 308 -9.42 3.85 -10.23
C GLY A 308 -9.61 3.50 -11.68
N GLY A 309 -10.10 2.28 -11.91
CA GLY A 309 -10.35 1.81 -13.26
C GLY A 309 -9.14 1.50 -14.12
N ALA A 310 -9.30 1.73 -15.41
CA ALA A 310 -8.27 1.46 -16.40
C ALA A 310 -7.09 2.42 -16.38
N SER A 311 -7.18 3.52 -15.63
CA SER A 311 -6.08 4.48 -15.59
C SER A 311 -4.94 4.02 -14.69
N ILE A 312 -5.26 3.18 -13.72
CA ILE A 312 -4.25 2.69 -12.78
C ILE A 312 -3.04 2.07 -13.45
N LEU A 313 -1.85 2.49 -13.03
CA LEU A 313 -0.60 1.96 -13.56
C LEU A 313 -0.10 0.86 -12.62
N THR A 314 0.45 -0.20 -13.20
CA THR A 314 0.97 -1.32 -12.42
C THR A 314 2.29 -1.79 -13.02
N PHE A 315 2.91 -2.80 -12.40
CA PHE A 315 4.18 -3.32 -12.90
C PHE A 315 4.07 -3.75 -14.36
N TRP A 316 2.87 -4.11 -14.81
CA TRP A 316 2.66 -4.53 -16.19
C TRP A 316 3.07 -3.42 -17.16
N ASP A 317 2.92 -2.17 -16.72
CA ASP A 317 3.27 -1.01 -17.52
C ASP A 317 4.58 -0.46 -16.94
N ALA A 318 5.55 -1.35 -16.77
CA ALA A 318 6.85 -1.04 -16.19
C ALA A 318 7.43 0.36 -16.40
N ARG A 319 7.62 0.76 -17.65
CA ARG A 319 8.21 2.07 -17.93
C ARG A 319 7.46 3.25 -17.31
N LEU A 320 6.16 3.33 -17.54
CA LEU A 320 5.36 4.43 -16.98
C LEU A 320 5.17 4.27 -15.47
N TYR A 321 5.15 3.03 -15.01
CA TYR A 321 4.97 2.75 -13.58
C TYR A 321 6.14 3.30 -12.77
N LYS A 322 7.36 3.06 -13.24
CA LYS A 322 8.55 3.55 -12.54
C LYS A 322 8.53 5.06 -12.44
N MET A 323 7.99 5.71 -13.46
CA MET A 323 7.90 7.17 -13.49
C MET A 323 6.87 7.68 -12.46
N ALA A 324 5.73 7.01 -12.40
CA ALA A 324 4.67 7.39 -11.46
C ALA A 324 5.15 7.22 -10.02
N VAL A 325 5.78 6.08 -9.75
CA VAL A 325 6.28 5.79 -8.42
C VAL A 325 7.38 6.79 -8.06
N GLY A 326 8.20 7.16 -9.05
CA GLY A 326 9.27 8.11 -8.82
C GLY A 326 8.72 9.47 -8.45
N PHE A 327 7.69 9.91 -9.18
CA PHE A 327 7.09 11.21 -8.89
C PHE A 327 6.49 11.19 -7.49
N MET A 328 5.78 10.11 -7.16
CA MET A 328 5.16 9.98 -5.84
C MET A 328 6.19 10.06 -4.73
N LEU A 329 7.26 9.30 -4.85
CA LEU A 329 8.31 9.26 -3.83
C LEU A 329 9.09 10.56 -3.72
N ALA A 330 9.11 11.35 -4.79
CA ALA A 330 9.84 12.63 -4.77
C ALA A 330 8.99 13.76 -4.22
N HIS A 331 7.67 13.68 -4.44
CA HIS A 331 6.76 14.71 -4.00
C HIS A 331 6.42 14.60 -2.51
N PRO A 332 6.43 15.73 -1.79
CA PRO A 332 6.16 15.80 -0.36
C PRO A 332 4.77 15.41 0.15
N TYR A 333 3.78 15.31 -0.73
CA TYR A 333 2.43 14.97 -0.28
C TYR A 333 2.24 13.55 0.26
N GLY A 334 1.59 13.47 1.42
CA GLY A 334 1.27 12.19 2.06
C GLY A 334 2.35 11.24 2.53
N PHE A 335 1.92 10.10 3.05
CA PHE A 335 2.84 9.05 3.51
C PHE A 335 2.71 7.98 2.44
N THR A 336 3.85 7.59 1.88
CA THR A 336 3.90 6.65 0.76
C THR A 336 3.98 5.15 1.01
N ARG A 337 3.20 4.40 0.24
CA ARG A 337 3.20 2.95 0.31
C ARG A 337 3.58 2.40 -1.06
N VAL A 338 4.58 1.54 -1.08
CA VAL A 338 5.07 0.90 -2.30
C VAL A 338 4.44 -0.49 -2.43
N MET A 339 4.02 -0.84 -3.63
CA MET A 339 3.40 -2.13 -3.89
C MET A 339 4.45 -3.15 -4.31
N SER A 340 4.26 -4.41 -3.89
CA SER A 340 5.18 -5.49 -4.27
C SER A 340 4.24 -6.63 -4.61
N SER A 341 4.24 -7.03 -5.89
CA SER A 341 3.32 -8.04 -6.37
C SER A 341 3.90 -9.36 -6.89
N TYR A 342 3.00 -10.19 -7.40
CA TYR A 342 3.36 -11.45 -8.03
C TYR A 342 2.69 -11.44 -9.40
N ARG A 343 3.28 -12.16 -10.36
CA ARG A 343 2.72 -12.22 -11.69
C ARG A 343 1.65 -13.30 -11.75
N TRP A 344 0.65 -13.09 -12.60
CA TRP A 344 -0.41 -14.06 -12.79
C TRP A 344 -0.71 -14.00 -14.29
N PRO A 345 -1.26 -15.07 -14.86
CA PRO A 345 -1.56 -15.08 -16.29
C PRO A 345 -2.79 -14.25 -16.66
N ARG A 346 -2.59 -12.94 -16.86
CA ARG A 346 -3.69 -12.07 -17.24
C ARG A 346 -4.25 -12.55 -18.56
N GLN A 347 -5.54 -12.85 -18.56
CA GLN A 347 -6.22 -13.32 -19.77
C GLN A 347 -7.40 -12.40 -20.05
N PHE A 348 -7.17 -11.39 -20.89
CA PHE A 348 -8.22 -10.42 -21.22
C PHE A 348 -9.23 -10.92 -22.24
N GLN A 349 -10.51 -10.73 -21.90
CA GLN A 349 -11.61 -11.13 -22.78
C GLN A 349 -12.67 -10.05 -22.69
N ASN A 350 -12.92 -9.37 -23.80
CA ASN A 350 -13.90 -8.30 -23.86
C ASN A 350 -13.52 -7.19 -22.88
N GLY A 351 -12.23 -6.91 -22.81
CA GLY A 351 -11.75 -5.86 -21.92
C GLY A 351 -11.64 -6.19 -20.45
N ASN A 352 -11.85 -7.45 -20.09
CA ASN A 352 -11.76 -7.86 -18.69
C ASN A 352 -10.88 -9.09 -18.49
N ASP A 353 -10.06 -9.04 -17.45
CA ASP A 353 -9.15 -10.13 -17.12
C ASP A 353 -9.90 -11.25 -16.40
N VAL A 354 -10.07 -12.37 -17.07
CA VAL A 354 -10.77 -13.51 -16.50
C VAL A 354 -9.98 -14.25 -15.44
N ASN A 355 -8.68 -13.97 -15.36
CA ASN A 355 -7.82 -14.60 -14.36
C ASN A 355 -7.47 -13.64 -13.23
N ASP A 356 -8.34 -12.66 -12.97
CA ASP A 356 -8.09 -11.68 -11.92
C ASP A 356 -8.20 -12.25 -10.51
N TRP A 357 -8.61 -13.51 -10.42
CA TRP A 357 -8.77 -14.20 -9.14
C TRP A 357 -7.53 -14.97 -8.70
N VAL A 358 -6.67 -15.29 -9.66
CA VAL A 358 -5.48 -16.08 -9.39
C VAL A 358 -4.68 -15.66 -8.15
N GLY A 359 -4.46 -16.63 -7.28
CA GLY A 359 -3.74 -16.39 -6.04
C GLY A 359 -2.24 -16.38 -6.23
N PRO A 360 -1.47 -16.25 -5.13
CA PRO A 360 -0.01 -16.23 -5.17
C PRO A 360 0.65 -17.50 -5.73
N PRO A 361 1.91 -17.38 -6.19
CA PRO A 361 2.68 -18.50 -6.74
C PRO A 361 2.59 -19.65 -5.73
N ASN A 362 2.25 -20.84 -6.21
CA ASN A 362 2.08 -21.96 -5.30
C ASN A 362 2.34 -23.33 -5.92
N ASN A 363 2.47 -24.32 -5.04
CA ASN A 363 2.66 -25.71 -5.41
C ASN A 363 1.54 -26.42 -4.67
N ASN A 364 0.46 -26.74 -5.39
CA ASN A 364 -0.69 -27.41 -4.80
C ASN A 364 -1.29 -26.63 -3.63
N GLY A 365 -1.33 -25.31 -3.76
CA GLY A 365 -1.90 -24.49 -2.70
C GLY A 365 -0.89 -23.93 -1.71
N VAL A 366 0.29 -24.53 -1.65
CA VAL A 366 1.32 -24.07 -0.73
C VAL A 366 2.12 -22.95 -1.42
N ILE A 367 2.06 -21.75 -0.84
CA ILE A 367 2.75 -20.60 -1.40
C ILE A 367 4.25 -20.83 -1.57
N LYS A 368 4.78 -20.47 -2.73
CA LYS A 368 6.20 -20.63 -3.01
C LYS A 368 7.01 -19.58 -2.28
N GLU A 369 8.24 -19.91 -1.92
CA GLU A 369 9.07 -18.94 -1.23
C GLU A 369 9.63 -17.94 -2.22
N VAL A 370 10.03 -16.79 -1.72
CA VAL A 370 10.60 -15.75 -2.56
C VAL A 370 12.06 -16.11 -2.74
N THR A 371 12.46 -16.38 -3.98
CA THR A 371 13.84 -16.72 -4.28
C THR A 371 14.51 -15.47 -4.82
N ILE A 372 15.76 -15.25 -4.44
CA ILE A 372 16.50 -14.08 -4.89
C ILE A 372 17.54 -14.43 -5.94
N ASN A 373 17.41 -13.82 -7.11
CA ASN A 373 18.34 -14.08 -8.20
C ASN A 373 19.64 -13.32 -7.95
N PRO A 374 20.72 -13.70 -8.65
CA PRO A 374 22.03 -13.05 -8.51
C PRO A 374 22.03 -11.54 -8.74
N ASP A 375 21.08 -11.03 -9.52
CA ASP A 375 21.00 -9.61 -9.80
C ASP A 375 20.08 -8.88 -8.83
N THR A 376 19.73 -9.56 -7.75
CA THR A 376 18.86 -9.06 -6.68
C THR A 376 17.37 -9.07 -7.01
N THR A 377 17.00 -9.55 -8.19
CA THR A 377 15.59 -9.62 -8.56
C THR A 377 15.03 -10.92 -7.99
N CYS A 378 13.71 -11.08 -8.03
CA CYS A 378 13.10 -12.28 -7.48
C CYS A 378 12.68 -13.31 -8.52
N GLY A 379 12.56 -14.56 -8.05
CA GLY A 379 12.13 -15.65 -8.90
C GLY A 379 10.80 -16.18 -8.39
N ASN A 380 10.38 -17.33 -8.91
CA ASN A 380 9.11 -17.96 -8.53
C ASN A 380 7.89 -17.09 -8.81
N ASP A 381 8.04 -16.18 -9.77
CA ASP A 381 6.97 -15.27 -10.20
C ASP A 381 6.65 -14.10 -9.30
N TRP A 382 7.50 -13.84 -8.31
CA TRP A 382 7.29 -12.68 -7.45
C TRP A 382 7.94 -11.54 -8.24
N VAL A 383 7.21 -10.44 -8.39
CA VAL A 383 7.73 -9.30 -9.14
C VAL A 383 8.76 -8.48 -8.37
N CYS A 384 8.54 -8.34 -7.07
CA CYS A 384 9.43 -7.57 -6.22
C CYS A 384 9.77 -6.19 -6.74
N GLU A 385 8.75 -5.37 -6.98
CA GLU A 385 8.96 -4.02 -7.47
C GLU A 385 9.85 -3.24 -6.53
N HIS A 386 9.77 -3.53 -5.24
CA HIS A 386 10.58 -2.82 -4.24
C HIS A 386 12.07 -3.07 -4.39
N ARG A 387 12.44 -4.03 -5.23
CA ARG A 387 13.84 -4.33 -5.47
C ARG A 387 14.35 -3.73 -6.78
N TRP A 388 13.43 -3.23 -7.62
CA TRP A 388 13.83 -2.60 -8.87
C TRP A 388 14.71 -1.41 -8.50
N ARG A 389 15.88 -1.29 -9.11
CA ARG A 389 16.79 -0.19 -8.81
C ARG A 389 16.12 1.18 -8.79
N GLN A 390 15.33 1.48 -9.82
CA GLN A 390 14.66 2.77 -9.94
C GLN A 390 13.70 3.06 -8.78
N ILE A 391 13.03 2.04 -8.27
CA ILE A 391 12.10 2.24 -7.18
C ILE A 391 12.83 2.25 -5.83
N ARG A 392 13.73 1.29 -5.63
CA ARG A 392 14.49 1.22 -4.39
C ARG A 392 15.28 2.52 -4.18
N ASN A 393 15.90 3.03 -5.25
CA ASN A 393 16.66 4.26 -5.10
C ASN A 393 15.80 5.50 -4.82
N MET A 394 14.54 5.46 -5.21
CA MET A 394 13.65 6.59 -4.95
C MET A 394 13.11 6.52 -3.52
N VAL A 395 13.08 5.30 -2.96
CA VAL A 395 12.65 5.11 -1.58
C VAL A 395 13.72 5.80 -0.74
N ILE A 396 14.98 5.61 -1.11
CA ILE A 396 16.08 6.22 -0.39
C ILE A 396 16.07 7.73 -0.62
N PHE A 397 15.72 8.14 -1.85
CA PHE A 397 15.63 9.55 -2.20
C PHE A 397 14.68 10.25 -1.22
N ARG A 398 13.52 9.65 -0.98
CA ARG A 398 12.53 10.23 -0.09
C ARG A 398 13.09 10.42 1.32
N ASN A 399 13.83 9.42 1.81
CA ASN A 399 14.44 9.49 3.14
C ASN A 399 15.41 10.66 3.22
N VAL A 400 16.27 10.76 2.22
CA VAL A 400 17.28 11.81 2.16
C VAL A 400 16.72 13.23 2.12
N VAL A 401 15.60 13.43 1.42
CA VAL A 401 15.02 14.77 1.30
C VAL A 401 13.90 15.03 2.30
N ASP A 402 13.65 14.08 3.19
CA ASP A 402 12.59 14.20 4.18
C ASP A 402 12.64 15.56 4.90
N GLY A 403 11.54 16.29 4.86
CA GLY A 403 11.48 17.59 5.51
C GLY A 403 11.75 18.78 4.61
N GLN A 404 12.47 18.55 3.52
CA GLN A 404 12.81 19.62 2.58
C GLN A 404 11.59 20.09 1.80
N PRO A 405 11.49 21.41 1.56
CA PRO A 405 10.36 21.97 0.81
C PRO A 405 10.38 21.74 -0.69
N PHE A 406 9.20 21.81 -1.29
CA PHE A 406 9.01 21.64 -2.72
C PHE A 406 9.44 22.96 -3.36
N THR A 407 10.43 22.91 -4.24
CA THR A 407 10.92 24.13 -4.89
C THR A 407 11.54 23.91 -6.26
N ASN A 408 11.99 25.02 -6.84
CA ASN A 408 12.63 25.02 -8.15
C ASN A 408 11.87 24.26 -9.24
N TRP A 409 10.55 24.45 -9.27
CA TRP A 409 9.72 23.78 -10.27
C TRP A 409 9.92 24.31 -11.68
N TYR A 410 9.94 23.41 -12.65
CA TYR A 410 10.09 23.76 -14.06
C TYR A 410 9.18 22.88 -14.90
N ASP A 411 8.62 23.46 -15.96
CA ASP A 411 7.80 22.70 -16.89
C ASP A 411 7.84 23.42 -18.24
N ASN A 412 7.69 22.66 -19.31
CA ASN A 412 7.74 23.21 -20.67
C ASN A 412 6.34 23.42 -21.21
N GLY A 413 5.36 23.50 -20.31
CA GLY A 413 3.99 23.70 -20.73
C GLY A 413 3.41 22.42 -21.31
N SER A 414 4.19 21.36 -21.29
CA SER A 414 3.73 20.08 -21.83
C SER A 414 3.97 18.94 -20.84
N ASN A 415 4.86 18.02 -21.16
CA ASN A 415 5.14 16.89 -20.27
C ASN A 415 6.58 16.74 -19.79
N GLN A 416 7.32 17.85 -19.78
CA GLN A 416 8.70 17.82 -19.30
C GLN A 416 8.72 18.75 -18.10
N VAL A 417 8.85 18.16 -16.92
CA VAL A 417 8.85 18.92 -15.69
C VAL A 417 10.00 18.53 -14.78
N ALA A 418 10.27 19.38 -13.80
CA ALA A 418 11.34 19.12 -12.85
C ALA A 418 11.09 19.94 -11.60
N PHE A 419 11.63 19.47 -10.48
CA PHE A 419 11.50 20.19 -9.22
C PHE A 419 12.49 19.63 -8.23
N GLY A 420 12.77 20.40 -7.19
CA GLY A 420 13.71 19.96 -6.20
C GLY A 420 13.08 19.91 -4.82
N ARG A 421 13.82 19.37 -3.87
CA ARG A 421 13.37 19.28 -2.49
C ARG A 421 14.46 19.99 -1.71
N GLY A 422 14.21 21.25 -1.37
CA GLY A 422 15.21 22.02 -0.65
C GLY A 422 16.52 21.97 -1.40
N ASN A 423 17.61 21.71 -0.69
CA ASN A 423 18.92 21.63 -1.33
C ASN A 423 19.45 20.22 -1.13
N ARG A 424 18.54 19.26 -0.98
CA ARG A 424 18.90 17.87 -0.77
C ARG A 424 18.60 16.95 -1.94
N GLY A 425 17.78 17.40 -2.88
CA GLY A 425 17.46 16.55 -4.02
C GLY A 425 16.80 17.26 -5.19
N PHE A 426 16.92 16.66 -6.38
CA PHE A 426 16.33 17.23 -7.59
C PHE A 426 15.93 16.11 -8.54
N ILE A 427 14.79 16.28 -9.22
CA ILE A 427 14.32 15.25 -10.16
C ILE A 427 13.77 15.87 -11.46
N VAL A 428 14.02 15.19 -12.58
CA VAL A 428 13.58 15.68 -13.89
C VAL A 428 12.85 14.59 -14.67
N PHE A 429 11.73 14.95 -15.29
CA PHE A 429 10.93 14.00 -16.06
C PHE A 429 10.71 14.45 -17.50
N ASN A 430 10.74 13.49 -18.43
CA ASN A 430 10.46 13.79 -19.84
C ASN A 430 9.42 12.80 -20.32
N ASN A 431 8.17 13.24 -20.40
CA ASN A 431 7.11 12.38 -20.88
C ASN A 431 6.51 12.90 -22.18
N ASP A 432 7.29 13.71 -22.91
CA ASP A 432 6.84 14.23 -24.20
C ASP A 432 7.44 13.35 -25.30
N ASP A 433 6.97 13.51 -26.53
CA ASP A 433 7.46 12.68 -27.63
C ASP A 433 8.72 13.23 -28.32
N TRP A 434 9.47 14.05 -27.61
CA TRP A 434 10.71 14.61 -28.15
C TRP A 434 11.71 14.69 -27.01
N SER A 435 12.98 14.93 -27.35
CA SER A 435 14.01 14.98 -26.34
C SER A 435 14.03 16.23 -25.48
N PHE A 436 14.63 16.09 -24.30
CA PHE A 436 14.77 17.18 -23.34
C PHE A 436 16.26 17.40 -23.15
N SER A 437 16.70 18.64 -23.37
CA SER A 437 18.10 19.00 -23.21
C SER A 437 18.11 20.45 -22.77
N LEU A 438 18.25 20.68 -21.47
CA LEU A 438 18.21 22.03 -20.95
C LEU A 438 19.02 22.18 -19.66
N THR A 439 19.45 23.40 -19.37
CA THR A 439 20.20 23.69 -18.16
C THR A 439 19.20 24.22 -17.15
N LEU A 440 19.11 23.56 -15.99
CA LEU A 440 18.17 23.95 -14.96
C LEU A 440 18.81 24.28 -13.61
N GLN A 441 18.10 25.09 -12.84
CA GLN A 441 18.54 25.45 -11.49
C GLN A 441 18.09 24.30 -10.60
N THR A 442 19.03 23.66 -9.92
CA THR A 442 18.70 22.53 -9.06
C THR A 442 18.61 22.87 -7.58
N GLY A 443 19.31 23.92 -7.16
CA GLY A 443 19.30 24.30 -5.76
C GLY A 443 20.24 23.43 -4.93
N LEU A 444 21.00 22.58 -5.60
CA LEU A 444 21.94 21.69 -4.93
C LEU A 444 23.34 22.27 -4.90
N PRO A 445 24.15 21.88 -3.89
CA PRO A 445 25.52 22.40 -3.82
C PRO A 445 26.37 21.87 -4.97
N ALA A 446 27.35 22.67 -5.40
CA ALA A 446 28.24 22.31 -6.49
C ALA A 446 28.81 20.91 -6.31
N GLY A 447 29.07 20.22 -7.42
CA GLY A 447 29.62 18.88 -7.35
C GLY A 447 29.14 17.95 -8.45
N THR A 448 29.62 16.70 -8.40
CA THR A 448 29.23 15.69 -9.36
C THR A 448 28.31 14.68 -8.69
N TYR A 449 27.09 14.56 -9.21
CA TYR A 449 26.10 13.65 -8.66
C TYR A 449 25.78 12.46 -9.55
N CYS A 450 25.58 11.31 -8.92
CA CYS A 450 25.23 10.10 -9.65
C CYS A 450 23.73 10.09 -9.84
N ASP A 451 23.28 9.81 -11.06
CA ASP A 451 21.86 9.71 -11.32
C ASP A 451 21.45 8.37 -10.69
N VAL A 452 20.50 8.38 -9.78
CA VAL A 452 20.09 7.15 -9.10
C VAL A 452 19.06 6.29 -9.84
N ILE A 453 18.59 6.75 -10.98
CA ILE A 453 17.63 5.99 -11.76
C ILE A 453 18.35 5.06 -12.72
N SER A 454 19.33 5.61 -13.45
CA SER A 454 20.10 4.84 -14.41
C SER A 454 21.21 4.01 -13.77
N GLY A 455 21.66 4.43 -12.59
CA GLY A 455 22.73 3.70 -11.94
C GLY A 455 22.75 3.83 -10.43
N ASP A 456 23.94 3.66 -9.87
CA ASP A 456 24.16 3.74 -8.43
C ASP A 456 25.48 4.44 -8.14
N LYS A 457 25.67 4.78 -6.88
CA LYS A 457 26.90 5.42 -6.45
C LYS A 457 27.65 4.31 -5.74
N ILE A 458 28.64 3.74 -6.40
CA ILE A 458 29.40 2.64 -5.83
C ILE A 458 30.89 2.96 -5.78
N ASN A 459 31.42 2.95 -4.57
CA ASN A 459 32.83 3.24 -4.30
C ASN A 459 33.39 4.44 -5.07
N GLY A 460 32.95 5.63 -4.71
CA GLY A 460 33.43 6.85 -5.35
C GLY A 460 33.21 6.98 -6.84
N ASN A 461 32.27 6.21 -7.39
CA ASN A 461 31.98 6.28 -8.81
C ASN A 461 30.51 6.02 -9.12
N CYS A 462 30.06 6.48 -10.28
CA CYS A 462 28.68 6.30 -10.72
C CYS A 462 28.63 5.21 -11.78
N THR A 463 27.64 4.32 -11.68
CA THR A 463 27.50 3.23 -12.64
C THR A 463 26.61 3.66 -13.80
N GLY A 464 25.98 4.83 -13.67
CA GLY A 464 25.10 5.32 -14.71
C GLY A 464 25.43 6.75 -15.08
N ILE A 465 24.39 7.52 -15.40
CA ILE A 465 24.57 8.92 -15.78
C ILE A 465 25.13 9.76 -14.65
N LYS A 466 25.95 10.76 -15.00
CA LYS A 466 26.54 11.66 -14.03
C LYS A 466 26.07 13.07 -14.33
N ILE A 467 25.77 13.83 -13.29
CA ILE A 467 25.31 15.21 -13.44
C ILE A 467 26.31 16.14 -12.78
N TYR A 468 26.59 17.27 -13.41
CA TYR A 468 27.53 18.23 -12.87
C TYR A 468 26.81 19.53 -12.51
N VAL A 469 26.83 19.87 -11.23
CA VAL A 469 26.18 21.08 -10.75
C VAL A 469 27.26 22.14 -10.54
N SER A 470 27.04 23.31 -11.12
CA SER A 470 27.99 24.42 -11.01
C SER A 470 27.78 25.19 -9.71
N ASP A 471 28.63 26.18 -9.49
CA ASP A 471 28.56 27.00 -8.28
C ASP A 471 27.24 27.74 -8.08
N ASP A 472 26.57 28.07 -9.18
CA ASP A 472 25.29 28.78 -9.08
C ASP A 472 24.13 27.82 -8.90
N GLY A 473 24.43 26.52 -8.81
CA GLY A 473 23.40 25.53 -8.62
C GLY A 473 22.77 25.02 -9.90
N LYS A 474 23.32 25.44 -11.04
CA LYS A 474 22.78 25.00 -12.32
C LYS A 474 23.45 23.71 -12.82
N ALA A 475 22.70 22.95 -13.60
CA ALA A 475 23.21 21.70 -14.15
C ALA A 475 22.45 21.39 -15.43
N HIS A 476 23.13 20.74 -16.38
CA HIS A 476 22.49 20.41 -17.64
C HIS A 476 21.93 18.99 -17.61
N PHE A 477 20.68 18.84 -18.07
CA PHE A 477 20.05 17.53 -18.11
C PHE A 477 19.67 17.20 -19.54
N SER A 478 19.96 15.97 -19.96
CA SER A 478 19.62 15.52 -21.29
C SER A 478 18.90 14.19 -21.19
N ILE A 479 17.63 14.17 -21.58
CA ILE A 479 16.84 12.95 -21.52
C ILE A 479 16.12 12.71 -22.84
N SER A 480 16.45 11.62 -23.51
CA SER A 480 15.82 11.28 -24.77
C SER A 480 14.48 10.63 -24.47
N ASN A 481 13.49 10.86 -25.33
CA ASN A 481 12.19 10.25 -25.13
C ASN A 481 12.32 8.76 -25.41
N SER A 482 13.51 8.35 -25.86
CA SER A 482 13.80 6.95 -26.17
C SER A 482 14.51 6.24 -25.01
N ALA A 483 14.81 6.96 -23.94
CA ALA A 483 15.50 6.38 -22.79
C ALA A 483 14.63 5.31 -22.13
N GLU A 484 15.26 4.27 -21.59
CA GLU A 484 14.51 3.22 -20.92
C GLU A 484 13.71 3.84 -19.78
N ASP A 485 14.37 4.68 -18.99
CA ASP A 485 13.73 5.40 -17.90
C ASP A 485 13.87 6.87 -18.24
N PRO A 486 12.77 7.50 -18.70
CA PRO A 486 12.78 8.90 -19.09
C PRO A 486 12.83 9.95 -17.96
N PHE A 487 13.54 9.66 -16.88
CA PHE A 487 13.68 10.63 -15.80
C PHE A 487 15.00 10.43 -15.03
N ILE A 488 15.48 11.52 -14.45
CA ILE A 488 16.75 11.52 -13.70
C ILE A 488 16.56 12.11 -12.32
N ALA A 489 17.15 11.47 -11.31
CA ALA A 489 17.05 11.95 -9.93
C ALA A 489 18.42 11.92 -9.27
N ILE A 490 18.76 13.00 -8.56
CA ILE A 490 20.02 13.10 -7.85
C ILE A 490 19.74 13.69 -6.47
N HIS A 491 20.52 13.29 -5.47
CA HIS A 491 20.32 13.80 -4.11
C HIS A 491 21.63 13.91 -3.33
N ALA A 492 21.56 14.54 -2.17
CA ALA A 492 22.72 14.74 -1.31
C ALA A 492 23.59 13.50 -1.11
N GLU A 493 22.98 12.33 -1.04
CA GLU A 493 23.75 11.10 -0.82
C GLU A 493 24.26 10.42 -2.08
N SER A 494 23.96 10.95 -3.26
CA SER A 494 24.46 10.34 -4.49
C SER A 494 25.58 11.23 -5.05
N LYS A 495 25.96 12.22 -4.25
CA LYS A 495 27.02 13.15 -4.63
C LYS A 495 28.37 12.48 -4.47
N LEU A 496 29.23 12.67 -5.46
CA LEU A 496 30.57 12.08 -5.44
C LEU A 496 31.48 12.86 -4.50
#